data_1ML4
#
_entry.id   1ML4
#
_cell.length_a   81.095
_cell.length_b   81.095
_cell.length_c   141.959
_cell.angle_alpha   90.00
_cell.angle_beta   90.00
_cell.angle_gamma   120.00
#
_symmetry.space_group_name_H-M   'H 3'
#
loop_
_entity.id
_entity.type
_entity.pdbx_description
1 polymer 'Aspartate Transcarbamoylase'
2 non-polymer 'N-(PHOSPHONACETYL)-L-ASPARTIC ACID'
3 water water
#
_entity_poly.entity_id   1
_entity_poly.type   'polypeptide(L)'
_entity_poly.pdbx_seq_one_letter_code
;MDWKGRDVISIRDFSKEDIETVLATAERLERELKEKGQLEYAKGKILATLFFEPSTRTRLSFESAMHRLGGAVIGFAEAS
TSSVKKGESLRDTIKTVEQYCDVIVIRHPKEGAARLAAEVAEVPVINAGDGSNQHPTQTLLDLYTIKKEFGRIDGLKIGL
LGDLKYGRTVHSLAEALTFYDVELYLISPELLRMPRHIVEELREKGMKVVETTTLEDVIGKLDVLYVTRIQKERFPDEQE
YLKVKGSYQVNLKVLEKAKDELRIMHPLPRVDEIHPEVDNTKHAIYFRQVFNGVPVRMALLALVLGVI
;
_entity_poly.pdbx_strand_id   A
#
# COMPACT_ATOMS: atom_id res chain seq x y z
N ASP A 2 -14.71 2.00 18.99
CA ASP A 2 -13.47 1.16 19.03
C ASP A 2 -12.52 1.51 17.88
N TRP A 3 -13.07 1.71 16.68
CA TRP A 3 -12.23 2.07 15.54
C TRP A 3 -11.82 3.53 15.65
N LYS A 4 -12.64 4.29 16.39
CA LYS A 4 -12.41 5.72 16.59
C LYS A 4 -11.11 5.96 17.35
N GLY A 5 -10.20 6.70 16.72
CA GLY A 5 -8.93 7.01 17.35
C GLY A 5 -7.81 6.06 17.02
N ARG A 6 -8.13 4.93 16.38
CA ARG A 6 -7.10 3.95 16.02
C ARG A 6 -6.16 4.50 14.96
N ASP A 7 -4.90 4.09 15.04
CA ASP A 7 -3.88 4.49 14.09
C ASP A 7 -3.76 3.38 13.04
N VAL A 8 -3.09 3.67 11.94
CA VAL A 8 -2.87 2.65 10.91
C VAL A 8 -1.39 2.77 10.54
N ILE A 9 -0.55 2.17 11.37
CA ILE A 9 0.91 2.23 11.22
C ILE A 9 1.52 1.01 10.51
N SER A 10 1.25 -0.18 11.04
CA SER A 10 1.77 -1.41 10.46
C SER A 10 0.61 -2.37 10.24
N ILE A 11 0.67 -3.11 9.14
CA ILE A 11 -0.39 -4.05 8.81
C ILE A 11 -0.41 -5.15 9.88
N ARG A 12 0.67 -5.22 10.67
CA ARG A 12 0.76 -6.22 11.72
C ARG A 12 -0.10 -5.85 12.92
N ASP A 13 -0.65 -4.64 12.91
CA ASP A 13 -1.52 -4.18 13.99
C ASP A 13 -2.98 -4.52 13.71
N PHE A 14 -3.23 -5.21 12.60
CA PHE A 14 -4.58 -5.58 12.21
C PHE A 14 -4.77 -7.09 12.19
N SER A 15 -5.96 -7.51 12.59
CA SER A 15 -6.30 -8.93 12.61
C SER A 15 -7.04 -9.23 11.31
N LYS A 16 -7.47 -10.46 11.11
CA LYS A 16 -8.18 -10.79 9.89
C LYS A 16 -9.55 -10.11 9.90
N GLU A 17 -10.09 -9.94 11.11
CA GLU A 17 -11.39 -9.31 11.29
C GLU A 17 -11.32 -7.84 10.88
N ASP A 18 -10.27 -7.15 11.32
CA ASP A 18 -10.06 -5.75 11.02
C ASP A 18 -9.98 -5.48 9.51
N ILE A 19 -9.15 -6.28 8.83
CA ILE A 19 -8.96 -6.16 7.39
C ILE A 19 -10.30 -6.42 6.68
N GLU A 20 -10.96 -7.49 7.09
CA GLU A 20 -12.24 -7.85 6.52
C GLU A 20 -13.25 -6.72 6.67
N THR A 21 -13.28 -6.11 7.85
CA THR A 21 -14.19 -4.99 8.13
C THR A 21 -13.92 -3.81 7.19
N VAL A 22 -12.65 -3.43 7.07
CA VAL A 22 -12.29 -2.32 6.19
C VAL A 22 -12.76 -2.60 4.76
N LEU A 23 -12.51 -3.81 4.28
CA LEU A 23 -12.92 -4.17 2.93
C LEU A 23 -14.43 -4.20 2.70
N ALA A 24 -15.17 -4.67 3.71
CA ALA A 24 -16.63 -4.71 3.59
C ALA A 24 -17.14 -3.28 3.64
N THR A 25 -16.60 -2.50 4.57
CA THR A 25 -17.00 -1.10 4.71
C THR A 25 -16.63 -0.33 3.44
N ALA A 26 -15.50 -0.68 2.84
CA ALA A 26 -15.07 -0.02 1.62
C ALA A 26 -16.10 -0.22 0.51
N GLU A 27 -16.66 -1.43 0.43
CA GLU A 27 -17.66 -1.73 -0.59
C GLU A 27 -18.92 -0.92 -0.32
N ARG A 28 -19.24 -0.78 0.97
CA ARG A 28 -20.40 -0.02 1.40
C ARG A 28 -20.33 1.40 0.87
N LEU A 29 -19.29 2.13 1.25
CA LEU A 29 -19.13 3.52 0.83
C LEU A 29 -19.06 3.65 -0.69
N GLU A 30 -18.49 2.64 -1.34
CA GLU A 30 -18.35 2.63 -2.79
C GLU A 30 -19.74 2.73 -3.42
N ARG A 31 -20.63 1.82 -3.02
CA ARG A 31 -21.99 1.82 -3.55
C ARG A 31 -22.72 3.06 -3.10
N GLU A 32 -22.55 3.42 -1.84
CA GLU A 32 -23.22 4.59 -1.30
C GLU A 32 -22.91 5.84 -2.10
N LEU A 33 -21.65 5.99 -2.49
CA LEU A 33 -21.24 7.16 -3.27
C LEU A 33 -22.08 7.21 -4.54
N LYS A 34 -22.07 6.11 -5.29
CA LYS A 34 -22.83 6.02 -6.54
C LYS A 34 -24.25 6.55 -6.38
N GLU A 35 -24.89 6.20 -5.28
CA GLU A 35 -26.26 6.62 -5.02
C GLU A 35 -26.44 8.10 -4.71
N LYS A 36 -25.78 8.54 -3.65
CA LYS A 36 -25.88 9.92 -3.18
C LYS A 36 -24.98 10.89 -3.93
N GLY A 37 -23.88 10.39 -4.47
CA GLY A 37 -22.96 11.24 -5.21
C GLY A 37 -22.24 12.27 -4.35
N GLN A 38 -22.43 12.16 -3.03
CA GLN A 38 -21.82 13.08 -2.06
C GLN A 38 -22.24 12.65 -0.65
N LEU A 39 -21.28 12.18 0.14
CA LEU A 39 -21.57 11.74 1.49
C LEU A 39 -21.19 12.80 2.53
N GLU A 40 -21.66 12.63 3.77
CA GLU A 40 -21.38 13.61 4.82
C GLU A 40 -20.83 13.08 6.15
N TYR A 41 -20.36 11.84 6.15
CA TYR A 41 -19.83 11.27 7.39
C TYR A 41 -18.73 12.12 7.99
N ALA A 42 -17.93 12.77 7.15
CA ALA A 42 -16.83 13.58 7.64
C ALA A 42 -17.10 15.08 7.72
N LYS A 43 -18.36 15.48 7.72
CA LYS A 43 -18.67 16.91 7.82
C LYS A 43 -18.12 17.49 9.13
N GLY A 44 -17.33 18.55 9.01
CA GLY A 44 -16.74 19.18 10.18
C GLY A 44 -15.42 18.57 10.61
N LYS A 45 -14.87 17.69 9.77
CA LYS A 45 -13.61 17.01 10.06
C LYS A 45 -12.57 17.45 9.04
N ILE A 46 -11.34 17.58 9.48
CA ILE A 46 -10.26 17.99 8.60
C ILE A 46 -9.16 16.93 8.56
N LEU A 47 -8.70 16.62 7.36
CA LEU A 47 -7.62 15.66 7.18
C LEU A 47 -6.37 16.46 6.82
N ALA A 48 -5.27 16.18 7.51
CA ALA A 48 -4.01 16.84 7.21
C ALA A 48 -3.08 15.83 6.52
N THR A 49 -2.75 16.08 5.26
CA THR A 49 -1.85 15.19 4.52
C THR A 49 -0.46 15.79 4.57
N LEU A 50 0.42 15.11 5.30
CA LEU A 50 1.79 15.56 5.47
C LEU A 50 2.74 14.65 4.73
N PHE A 51 3.08 15.06 3.51
CA PHE A 51 3.97 14.28 2.67
C PHE A 51 5.38 14.88 2.57
N PHE A 52 6.34 14.13 3.11
CA PHE A 52 7.75 14.52 3.13
C PHE A 52 8.51 13.90 1.95
N GLU A 53 7.80 13.15 1.11
CA GLU A 53 8.38 12.55 -0.10
C GLU A 53 7.27 12.48 -1.18
N PRO A 54 7.66 12.33 -2.46
CA PRO A 54 6.65 12.27 -3.52
C PRO A 54 5.58 11.17 -3.50
N SER A 55 4.39 11.55 -3.99
CA SER A 55 3.23 10.67 -4.08
C SER A 55 2.20 11.22 -5.04
N THR A 56 1.56 10.34 -5.77
CA THR A 56 0.50 10.74 -6.69
C THR A 56 -0.77 10.04 -6.19
N ARG A 57 -0.71 8.71 -6.15
CA ARG A 57 -1.83 7.90 -5.72
C ARG A 57 -2.23 8.06 -4.25
N THR A 58 -1.32 7.73 -3.34
CA THR A 58 -1.63 7.79 -1.91
C THR A 58 -2.11 9.15 -1.39
N ARG A 59 -1.47 10.24 -1.81
CA ARG A 59 -1.91 11.54 -1.35
C ARG A 59 -3.26 11.89 -2.00
N LEU A 60 -3.30 11.87 -3.33
CA LEU A 60 -4.52 12.21 -4.07
C LEU A 60 -5.76 11.35 -3.80
N SER A 61 -5.58 10.06 -3.57
CA SER A 61 -6.71 9.18 -3.28
C SER A 61 -7.24 9.45 -1.87
N PHE A 62 -6.34 9.80 -0.95
CA PHE A 62 -6.74 10.10 0.42
C PHE A 62 -7.49 11.43 0.46
N GLU A 63 -6.96 12.44 -0.22
CA GLU A 63 -7.62 13.73 -0.25
C GLU A 63 -8.94 13.60 -0.99
N SER A 64 -8.93 12.76 -2.02
CA SER A 64 -10.12 12.49 -2.82
C SER A 64 -11.17 11.85 -1.91
N ALA A 65 -10.75 10.83 -1.16
CA ALA A 65 -11.65 10.13 -0.25
C ALA A 65 -12.27 11.09 0.77
N MET A 66 -11.46 11.97 1.35
CA MET A 66 -11.96 12.90 2.35
C MET A 66 -13.03 13.83 1.80
N HIS A 67 -12.86 14.28 0.57
CA HIS A 67 -13.84 15.17 -0.03
C HIS A 67 -15.12 14.39 -0.31
N ARG A 68 -14.97 13.14 -0.78
CA ARG A 68 -16.15 12.32 -1.06
C ARG A 68 -16.92 12.05 0.23
N LEU A 69 -16.22 12.11 1.36
CA LEU A 69 -16.82 11.89 2.68
C LEU A 69 -17.41 13.17 3.26
N GLY A 70 -17.14 14.30 2.64
CA GLY A 70 -17.67 15.57 3.09
C GLY A 70 -16.79 16.34 4.06
N GLY A 71 -15.50 16.02 4.07
CA GLY A 71 -14.56 16.71 4.96
C GLY A 71 -13.70 17.73 4.23
N ALA A 72 -12.77 18.33 4.96
CA ALA A 72 -11.86 19.32 4.39
C ALA A 72 -10.41 18.80 4.47
N VAL A 73 -9.54 19.38 3.65
CA VAL A 73 -8.14 18.95 3.59
C VAL A 73 -7.11 20.08 3.64
N ILE A 74 -6.09 19.89 4.49
CA ILE A 74 -4.97 20.82 4.62
C ILE A 74 -3.71 19.95 4.56
N GLY A 75 -2.54 20.58 4.42
CA GLY A 75 -1.31 19.81 4.37
C GLY A 75 -0.28 20.37 3.40
N PHE A 76 0.82 19.62 3.22
CA PHE A 76 1.86 20.03 2.27
C PHE A 76 2.37 18.80 1.54
N ALA A 77 2.77 18.97 0.28
CA ALA A 77 3.28 17.86 -0.52
C ALA A 77 4.80 17.89 -0.54
N GLU A 78 5.36 19.03 -0.18
CA GLU A 78 6.80 19.28 -0.15
C GLU A 78 7.20 19.86 1.21
N ALA A 79 8.01 19.13 1.97
CA ALA A 79 8.47 19.57 3.28
C ALA A 79 9.28 20.88 3.20
N SER A 80 9.91 21.10 2.06
CA SER A 80 10.69 22.31 1.84
C SER A 80 9.87 23.61 2.05
N THR A 81 8.55 23.54 1.83
CA THR A 81 7.67 24.70 1.99
C THR A 81 7.17 24.86 3.42
N SER A 82 7.43 23.88 4.27
CA SER A 82 6.98 23.97 5.64
C SER A 82 8.13 24.52 6.49
N SER A 83 7.89 24.64 7.80
CA SER A 83 8.91 25.14 8.70
C SER A 83 9.97 24.11 9.06
N VAL A 84 9.91 22.92 8.45
CA VAL A 84 10.95 21.93 8.70
C VAL A 84 12.17 22.55 7.99
N LYS A 85 11.87 23.50 7.12
CA LYS A 85 12.87 24.25 6.34
C LYS A 85 13.74 25.10 7.28
N LYS A 86 13.13 25.58 8.36
CA LYS A 86 13.82 26.40 9.35
C LYS A 86 14.56 25.51 10.35
N GLY A 87 14.34 24.20 10.22
CA GLY A 87 15.00 23.23 11.09
C GLY A 87 14.11 22.48 12.07
N GLU A 88 12.80 22.70 12.02
CA GLU A 88 11.88 22.04 12.93
C GLU A 88 11.93 20.52 12.81
N SER A 89 11.77 19.84 13.96
CA SER A 89 11.80 18.38 14.03
C SER A 89 10.47 17.76 13.61
N LEU A 90 10.44 16.44 13.52
CA LEU A 90 9.22 15.76 13.13
C LEU A 90 8.17 15.76 14.23
N ARG A 91 8.59 15.47 15.46
CA ARG A 91 7.66 15.42 16.59
C ARG A 91 7.04 16.77 16.89
N ASP A 92 7.77 17.84 16.62
CA ASP A 92 7.27 19.19 16.84
C ASP A 92 6.26 19.49 15.75
N THR A 93 6.55 19.03 14.53
CA THR A 93 5.68 19.22 13.38
C THR A 93 4.31 18.57 13.63
N ILE A 94 4.34 17.35 14.16
CA ILE A 94 3.12 16.60 14.44
C ILE A 94 2.37 17.19 15.62
N LYS A 95 3.09 17.51 16.68
CA LYS A 95 2.44 18.10 17.84
C LYS A 95 1.73 19.41 17.45
N THR A 96 2.32 20.16 16.54
CA THR A 96 1.67 21.40 16.12
C THR A 96 0.52 21.11 15.16
N VAL A 97 0.77 20.40 14.07
CA VAL A 97 -0.28 20.11 13.08
C VAL A 97 -1.49 19.35 13.63
N GLU A 98 -1.28 18.45 14.58
CA GLU A 98 -2.39 17.67 15.14
C GLU A 98 -3.49 18.55 15.77
N GLN A 99 -3.15 19.79 16.12
CA GLN A 99 -4.08 20.72 16.75
C GLN A 99 -5.01 21.36 15.70
N TYR A 100 -4.70 21.13 14.42
CA TYR A 100 -5.47 21.70 13.33
C TYR A 100 -6.41 20.73 12.63
N CYS A 101 -6.21 19.43 12.85
CA CYS A 101 -7.03 18.44 12.16
C CYS A 101 -7.58 17.34 13.04
N ASP A 102 -8.34 16.45 12.41
CA ASP A 102 -8.97 15.36 13.12
C ASP A 102 -8.37 14.01 12.74
N VAL A 103 -7.42 14.04 11.82
CA VAL A 103 -6.73 12.84 11.36
C VAL A 103 -5.53 13.25 10.51
N ILE A 104 -4.43 12.52 10.66
CA ILE A 104 -3.22 12.80 9.91
C ILE A 104 -2.82 11.63 9.02
N VAL A 105 -2.36 11.94 7.80
CA VAL A 105 -1.86 10.93 6.89
C VAL A 105 -0.46 11.41 6.58
N ILE A 106 0.53 10.60 6.93
CA ILE A 106 1.92 10.97 6.73
C ILE A 106 2.77 9.97 5.93
N ARG A 107 3.55 10.52 5.00
CA ARG A 107 4.49 9.76 4.20
C ARG A 107 5.83 10.45 4.48
N HIS A 108 6.79 9.67 4.97
CA HIS A 108 8.11 10.20 5.35
C HIS A 108 9.20 9.23 4.87
N PRO A 109 10.40 9.75 4.55
CA PRO A 109 11.48 8.90 4.07
C PRO A 109 12.20 8.07 5.13
N LYS A 110 11.91 8.32 6.41
CA LYS A 110 12.56 7.58 7.48
C LYS A 110 11.65 6.51 8.07
N GLU A 111 12.15 5.28 8.16
CA GLU A 111 11.38 4.19 8.73
C GLU A 111 11.01 4.57 10.17
N GLY A 112 9.79 4.25 10.57
CA GLY A 112 9.34 4.57 11.92
C GLY A 112 8.79 5.98 12.13
N ALA A 113 8.74 6.77 11.06
CA ALA A 113 8.24 8.15 11.15
C ALA A 113 6.76 8.22 11.57
N ALA A 114 5.97 7.25 11.10
CA ALA A 114 4.54 7.18 11.41
C ALA A 114 4.29 6.79 12.86
N ARG A 115 5.16 5.92 13.37
CA ARG A 115 5.06 5.47 14.75
C ARG A 115 5.37 6.63 15.69
N LEU A 116 6.37 7.42 15.31
CA LEU A 116 6.80 8.56 16.10
C LEU A 116 5.70 9.61 16.07
N ALA A 117 5.06 9.77 14.92
CA ALA A 117 3.98 10.73 14.77
C ALA A 117 2.75 10.30 15.58
N ALA A 118 2.43 9.00 15.52
CA ALA A 118 1.28 8.45 16.23
C ALA A 118 1.46 8.58 17.74
N GLU A 119 2.72 8.44 18.17
CA GLU A 119 3.08 8.51 19.57
C GLU A 119 2.81 9.88 20.17
N VAL A 120 3.19 10.93 19.45
CA VAL A 120 3.02 12.30 19.94
C VAL A 120 1.78 13.03 19.41
N ALA A 121 0.78 12.28 18.96
CA ALA A 121 -0.45 12.88 18.44
C ALA A 121 -1.67 12.30 19.14
N GLU A 122 -2.64 13.15 19.43
CA GLU A 122 -3.88 12.72 20.08
C GLU A 122 -4.96 12.71 19.01
N VAL A 123 -4.51 12.59 17.78
CA VAL A 123 -5.36 12.52 16.60
C VAL A 123 -4.88 11.24 15.92
N PRO A 124 -5.80 10.52 15.25
CA PRO A 124 -5.41 9.27 14.56
C PRO A 124 -4.37 9.53 13.49
N VAL A 125 -3.34 8.69 13.44
CA VAL A 125 -2.27 8.83 12.43
C VAL A 125 -2.23 7.62 11.49
N ILE A 126 -2.28 7.91 10.18
CA ILE A 126 -2.24 6.87 9.17
C ILE A 126 -0.93 6.94 8.39
N ASN A 127 -0.23 5.81 8.35
CA ASN A 127 1.05 5.70 7.66
C ASN A 127 0.86 5.51 6.15
N ALA A 128 1.28 6.51 5.38
CA ALA A 128 1.16 6.45 3.93
C ALA A 128 2.48 5.96 3.35
N GLY A 129 3.38 5.50 4.22
CA GLY A 129 4.66 4.99 3.79
C GLY A 129 5.81 5.54 4.61
N ASP A 130 6.53 4.68 5.35
CA ASP A 130 7.66 5.14 6.17
C ASP A 130 8.98 4.49 5.74
N GLY A 131 9.75 5.23 4.95
CA GLY A 131 11.00 4.72 4.43
C GLY A 131 10.69 3.51 3.56
N SER A 132 11.41 2.42 3.79
CA SER A 132 11.20 1.22 3.02
C SER A 132 10.51 0.19 3.92
N ASN A 133 10.02 0.67 5.06
CA ASN A 133 9.37 -0.20 6.02
C ASN A 133 7.94 -0.64 5.70
N GLN A 134 6.94 0.18 6.04
CA GLN A 134 5.54 -0.21 5.84
C GLN A 134 4.69 0.69 4.94
N HIS A 135 3.59 0.10 4.45
CA HIS A 135 2.63 0.77 3.59
C HIS A 135 1.28 0.05 3.78
N PRO A 136 0.65 0.19 4.96
CA PRO A 136 -0.63 -0.44 5.31
C PRO A 136 -1.87 -0.18 4.43
N THR A 137 -2.10 1.05 3.99
CA THR A 137 -3.28 1.30 3.16
C THR A 137 -3.13 0.72 1.74
N GLN A 138 -1.90 0.53 1.29
CA GLN A 138 -1.69 -0.06 -0.03
C GLN A 138 -2.10 -1.51 0.06
N THR A 139 -1.58 -2.20 1.06
CA THR A 139 -1.90 -3.61 1.29
C THR A 139 -3.41 -3.76 1.40
N LEU A 140 -4.06 -2.88 2.16
CA LEU A 140 -5.50 -2.95 2.34
C LEU A 140 -6.28 -2.77 1.03
N LEU A 141 -5.76 -1.96 0.11
CA LEU A 141 -6.45 -1.78 -1.16
C LEU A 141 -6.06 -2.91 -2.11
N ASP A 142 -4.89 -3.51 -1.89
CA ASP A 142 -4.44 -4.63 -2.71
C ASP A 142 -5.31 -5.85 -2.41
N LEU A 143 -5.58 -6.07 -1.12
CA LEU A 143 -6.41 -7.20 -0.69
C LEU A 143 -7.86 -7.01 -1.15
N TYR A 144 -8.31 -5.75 -1.15
CA TYR A 144 -9.65 -5.42 -1.59
C TYR A 144 -9.75 -5.81 -3.07
N THR A 145 -8.72 -5.45 -3.84
CA THR A 145 -8.67 -5.75 -5.27
C THR A 145 -8.65 -7.25 -5.54
N ILE A 146 -7.85 -7.98 -4.78
CA ILE A 146 -7.76 -9.43 -4.98
C ILE A 146 -9.10 -10.10 -4.69
N LYS A 147 -9.70 -9.79 -3.55
CA LYS A 147 -10.98 -10.37 -3.21
C LYS A 147 -12.02 -9.94 -4.24
N LYS A 148 -11.93 -8.69 -4.69
CA LYS A 148 -12.87 -8.18 -5.67
C LYS A 148 -12.71 -8.88 -7.03
N GLU A 149 -11.47 -9.16 -7.42
CA GLU A 149 -11.19 -9.80 -8.69
C GLU A 149 -11.39 -11.31 -8.73
N PHE A 150 -10.89 -11.99 -7.70
CA PHE A 150 -11.00 -13.44 -7.63
C PHE A 150 -12.21 -13.81 -6.79
N GLY A 151 -13.05 -12.81 -6.51
CA GLY A 151 -14.24 -13.03 -5.72
C GLY A 151 -13.92 -13.45 -4.31
N ARG A 152 -12.80 -14.15 -4.13
CA ARG A 152 -12.42 -14.60 -2.81
C ARG A 152 -10.93 -14.60 -2.48
N ILE A 153 -10.71 -14.62 -1.18
CA ILE A 153 -9.42 -14.60 -0.54
C ILE A 153 -8.51 -15.81 -0.70
N ASP A 154 -8.82 -16.86 0.05
CA ASP A 154 -8.05 -18.10 0.09
C ASP A 154 -8.01 -18.93 -1.19
N GLY A 155 -7.12 -19.92 -1.19
CA GLY A 155 -6.98 -20.81 -2.34
C GLY A 155 -6.20 -20.23 -3.50
N LEU A 156 -5.51 -19.10 -3.25
CA LEU A 156 -4.72 -18.44 -4.29
C LEU A 156 -3.22 -18.62 -4.16
N LYS A 157 -2.56 -18.53 -5.30
CA LYS A 157 -1.11 -18.62 -5.38
C LYS A 157 -0.70 -17.21 -5.81
N ILE A 158 -0.08 -16.49 -4.89
CA ILE A 158 0.35 -15.12 -5.12
C ILE A 158 1.86 -15.00 -5.31
N GLY A 159 2.26 -14.31 -6.36
CA GLY A 159 3.68 -14.11 -6.60
C GLY A 159 4.05 -12.65 -6.49
N LEU A 160 5.06 -12.35 -5.67
CA LEU A 160 5.52 -10.97 -5.50
C LEU A 160 6.87 -10.87 -6.22
N LEU A 161 6.93 -9.99 -7.23
CA LEU A 161 8.14 -9.81 -8.05
C LEU A 161 8.82 -8.46 -7.96
N GLY A 162 10.15 -8.48 -8.00
CA GLY A 162 10.89 -7.25 -7.99
C GLY A 162 11.72 -6.88 -6.78
N ASP A 163 11.63 -5.61 -6.40
CA ASP A 163 12.36 -5.07 -5.27
C ASP A 163 11.63 -5.37 -3.97
N LEU A 164 11.81 -6.58 -3.46
CA LEU A 164 11.14 -6.99 -2.22
C LEU A 164 11.91 -6.50 -1.00
N LYS A 165 13.14 -6.06 -1.23
CA LYS A 165 13.99 -5.56 -0.16
C LYS A 165 13.56 -4.17 0.31
N TYR A 166 13.40 -3.24 -0.63
CA TYR A 166 13.03 -1.87 -0.27
C TYR A 166 11.54 -1.57 -0.46
N GLY A 167 10.83 -2.50 -1.08
CA GLY A 167 9.41 -2.30 -1.34
C GLY A 167 8.50 -2.42 -0.14
N ARG A 168 8.20 -1.29 0.49
CA ARG A 168 7.33 -1.26 1.65
C ARG A 168 5.96 -1.87 1.35
N THR A 169 5.55 -1.82 0.09
CA THR A 169 4.25 -2.39 -0.34
C THR A 169 4.18 -3.91 -0.15
N VAL A 170 5.24 -4.63 -0.51
CA VAL A 170 5.28 -6.08 -0.37
C VAL A 170 5.64 -6.51 1.06
N HIS A 171 6.27 -5.62 1.83
CA HIS A 171 6.60 -5.96 3.21
C HIS A 171 5.29 -6.11 4.00
N SER A 172 4.37 -5.16 3.78
CA SER A 172 3.07 -5.17 4.43
C SER A 172 2.18 -6.24 3.83
N LEU A 173 2.15 -6.30 2.50
CA LEU A 173 1.31 -7.27 1.80
C LEU A 173 1.62 -8.72 2.19
N ALA A 174 2.89 -9.05 2.37
CA ALA A 174 3.26 -10.41 2.76
C ALA A 174 2.75 -10.70 4.17
N GLU A 175 2.90 -9.71 5.05
CA GLU A 175 2.46 -9.85 6.44
C GLU A 175 0.95 -10.03 6.57
N ALA A 176 0.19 -9.30 5.78
CA ALA A 176 -1.27 -9.40 5.81
C ALA A 176 -1.73 -10.77 5.34
N LEU A 177 -1.12 -11.28 4.27
CA LEU A 177 -1.50 -12.59 3.73
C LEU A 177 -1.41 -13.69 4.77
N THR A 178 -0.77 -13.41 5.90
CA THR A 178 -0.63 -14.39 6.97
C THR A 178 -1.98 -14.96 7.41
N PHE A 179 -3.02 -14.15 7.35
CA PHE A 179 -4.35 -14.59 7.76
C PHE A 179 -5.08 -15.39 6.68
N TYR A 180 -4.48 -15.51 5.49
CA TYR A 180 -5.12 -16.25 4.41
C TYR A 180 -4.37 -17.50 3.93
N ASP A 181 -5.14 -18.51 3.53
CA ASP A 181 -4.61 -19.78 3.04
C ASP A 181 -4.16 -19.63 1.59
N VAL A 182 -2.91 -19.22 1.41
CA VAL A 182 -2.35 -19.01 0.08
C VAL A 182 -0.88 -19.44 -0.01
N GLU A 183 -0.40 -19.71 -1.22
CA GLU A 183 0.99 -20.09 -1.44
C GLU A 183 1.70 -18.86 -1.99
N LEU A 184 2.63 -18.30 -1.21
CA LEU A 184 3.33 -17.11 -1.65
C LEU A 184 4.65 -17.41 -2.36
N TYR A 185 4.88 -16.73 -3.47
CA TYR A 185 6.11 -16.89 -4.23
C TYR A 185 6.80 -15.54 -4.34
N LEU A 186 8.01 -15.46 -3.81
CA LEU A 186 8.79 -14.22 -3.83
C LEU A 186 9.89 -14.33 -4.87
N ILE A 187 9.66 -13.73 -6.03
CA ILE A 187 10.61 -13.75 -7.13
C ILE A 187 11.41 -12.47 -7.20
N SER A 188 12.73 -12.57 -7.12
CA SER A 188 13.54 -11.37 -7.17
C SER A 188 15.02 -11.70 -7.20
N PRO A 189 15.84 -10.74 -7.65
CA PRO A 189 17.28 -10.97 -7.69
C PRO A 189 17.68 -11.29 -6.25
N GLU A 190 18.78 -11.98 -6.06
CA GLU A 190 19.15 -12.33 -4.71
C GLU A 190 19.55 -11.09 -3.91
N LEU A 191 19.86 -10.00 -4.61
CA LEU A 191 20.23 -8.77 -3.93
C LEU A 191 19.00 -8.01 -3.46
N LEU A 192 17.82 -8.38 -3.97
CA LEU A 192 16.58 -7.70 -3.59
C LEU A 192 15.54 -8.63 -2.97
N ARG A 193 16.00 -9.61 -2.19
CA ARG A 193 15.12 -10.56 -1.53
C ARG A 193 14.33 -9.94 -0.37
N MET A 194 13.21 -10.56 -0.04
CA MET A 194 12.34 -10.12 1.04
C MET A 194 13.11 -10.21 2.36
N PRO A 195 12.91 -9.25 3.28
CA PRO A 195 13.61 -9.26 4.57
C PRO A 195 13.51 -10.64 5.23
N ARG A 196 14.65 -11.28 5.46
CA ARG A 196 14.64 -12.61 6.04
C ARG A 196 13.62 -12.76 7.18
N HIS A 197 13.65 -11.83 8.13
CA HIS A 197 12.74 -11.89 9.27
C HIS A 197 11.29 -12.09 8.86
N ILE A 198 10.84 -11.31 7.87
CA ILE A 198 9.46 -11.41 7.42
C ILE A 198 9.17 -12.77 6.79
N VAL A 199 10.03 -13.25 5.91
CA VAL A 199 9.82 -14.55 5.29
C VAL A 199 9.87 -15.63 6.37
N GLU A 200 10.71 -15.40 7.38
CA GLU A 200 10.86 -16.34 8.50
C GLU A 200 9.52 -16.44 9.23
N GLU A 201 9.04 -15.30 9.72
CA GLU A 201 7.78 -15.19 10.45
C GLU A 201 6.60 -15.85 9.73
N LEU A 202 6.45 -15.58 8.45
CA LEU A 202 5.35 -16.15 7.67
C LEU A 202 5.41 -17.67 7.65
N ARG A 203 6.61 -18.23 7.77
CA ARG A 203 6.75 -19.68 7.79
C ARG A 203 6.75 -20.16 9.23
N GLU A 204 6.93 -19.21 10.15
CA GLU A 204 6.91 -19.51 11.57
C GLU A 204 5.43 -19.72 11.92
N LYS A 205 4.55 -19.30 11.03
CA LYS A 205 3.12 -19.47 11.24
C LYS A 205 2.55 -20.53 10.30
N GLY A 206 3.39 -21.07 9.42
CA GLY A 206 2.97 -22.12 8.53
C GLY A 206 2.56 -21.80 7.11
N MET A 207 3.20 -20.81 6.49
CA MET A 207 2.86 -20.46 5.11
C MET A 207 3.89 -20.95 4.11
N LYS A 208 3.42 -21.61 3.05
CA LYS A 208 4.30 -22.09 2.00
C LYS A 208 4.88 -20.88 1.28
N VAL A 209 6.12 -20.53 1.61
CA VAL A 209 6.79 -19.38 1.01
C VAL A 209 8.07 -19.79 0.28
N VAL A 210 8.09 -19.64 -1.03
CA VAL A 210 9.28 -19.99 -1.80
C VAL A 210 9.93 -18.79 -2.46
N GLU A 211 11.22 -18.61 -2.18
CA GLU A 211 12.00 -17.51 -2.74
C GLU A 211 12.80 -17.99 -3.97
N THR A 212 12.54 -17.40 -5.13
CA THR A 212 13.24 -17.77 -6.37
C THR A 212 13.78 -16.56 -7.15
N THR A 213 14.67 -16.84 -8.10
CA THR A 213 15.28 -15.81 -8.94
C THR A 213 14.70 -15.80 -10.36
N THR A 214 14.29 -16.97 -10.83
CA THR A 214 13.71 -17.10 -12.16
C THR A 214 12.19 -17.11 -12.04
N LEU A 215 11.56 -16.15 -12.71
CA LEU A 215 10.11 -15.99 -12.68
C LEU A 215 9.35 -17.11 -13.38
N GLU A 216 9.85 -17.56 -14.52
CA GLU A 216 9.21 -18.62 -15.30
C GLU A 216 9.06 -19.92 -14.51
N ASP A 217 9.86 -20.05 -13.46
CA ASP A 217 9.82 -21.22 -12.61
C ASP A 217 8.43 -21.35 -11.97
N VAL A 218 7.88 -20.20 -11.58
CA VAL A 218 6.60 -20.11 -10.91
C VAL A 218 5.44 -19.48 -11.70
N ILE A 219 5.77 -18.76 -12.76
CA ILE A 219 4.76 -18.07 -13.56
C ILE A 219 3.51 -18.91 -13.85
N GLY A 220 3.71 -20.13 -14.35
CA GLY A 220 2.59 -21.00 -14.70
C GLY A 220 1.49 -21.34 -13.70
N LYS A 221 1.81 -21.32 -12.41
CA LYS A 221 0.82 -21.66 -11.39
C LYS A 221 0.29 -20.49 -10.59
N LEU A 222 0.74 -19.27 -10.91
CA LEU A 222 0.32 -18.08 -10.19
C LEU A 222 -1.06 -17.58 -10.59
N ASP A 223 -1.81 -17.14 -9.58
CA ASP A 223 -3.14 -16.58 -9.78
C ASP A 223 -2.90 -15.06 -9.82
N VAL A 224 -2.03 -14.61 -8.92
CA VAL A 224 -1.71 -13.19 -8.80
C VAL A 224 -0.22 -12.93 -8.97
N LEU A 225 0.10 -11.93 -9.80
CA LEU A 225 1.48 -11.51 -9.98
C LEU A 225 1.52 -10.04 -9.63
N TYR A 226 2.08 -9.74 -8.48
CA TYR A 226 2.18 -8.37 -7.98
C TYR A 226 3.59 -7.85 -8.26
N VAL A 227 3.70 -7.00 -9.28
CA VAL A 227 4.97 -6.44 -9.69
C VAL A 227 5.30 -5.16 -8.90
N THR A 228 6.60 -4.93 -8.68
CA THR A 228 7.05 -3.76 -7.94
C THR A 228 8.08 -2.96 -8.73
N ARG A 229 8.37 -1.75 -8.27
CA ARG A 229 9.35 -0.87 -8.90
C ARG A 229 10.64 -0.90 -8.09
N ILE A 230 11.78 -0.82 -8.77
CA ILE A 230 13.04 -0.81 -8.03
C ILE A 230 13.15 0.57 -7.38
N GLN A 231 13.12 0.57 -6.04
CA GLN A 231 13.17 1.77 -5.20
C GLN A 231 14.50 2.54 -5.25
N LYS A 232 14.84 3.01 -6.45
CA LYS A 232 16.09 3.75 -6.68
C LYS A 232 16.45 4.74 -5.58
N GLU A 233 15.47 5.48 -5.10
CA GLU A 233 15.71 6.49 -4.06
C GLU A 233 16.06 5.94 -2.66
N ARG A 234 15.99 4.62 -2.47
CA ARG A 234 16.31 4.01 -1.18
C ARG A 234 17.71 3.41 -1.14
N PHE A 235 18.32 3.22 -2.30
CA PHE A 235 19.64 2.64 -2.38
C PHE A 235 20.71 3.56 -1.77
N PRO A 236 21.79 2.96 -1.22
CA PRO A 236 22.90 3.68 -0.57
C PRO A 236 23.50 4.74 -1.50
N ASP A 237 23.57 4.41 -2.78
CA ASP A 237 24.09 5.32 -3.80
C ASP A 237 23.62 4.76 -5.14
N GLU A 238 23.86 5.51 -6.22
CA GLU A 238 23.43 5.06 -7.54
C GLU A 238 24.11 3.77 -7.99
N GLN A 239 25.37 3.60 -7.63
CA GLN A 239 26.10 2.40 -8.01
C GLN A 239 25.39 1.14 -7.49
N GLU A 240 24.88 1.22 -6.26
CA GLU A 240 24.19 0.08 -5.67
C GLU A 240 22.92 -0.22 -6.45
N TYR A 241 22.34 0.82 -7.05
CA TYR A 241 21.13 0.68 -7.84
C TYR A 241 21.43 0.21 -9.28
N LEU A 242 22.56 0.65 -9.82
CA LEU A 242 22.96 0.27 -11.17
C LEU A 242 23.23 -1.22 -11.27
N LYS A 243 23.57 -1.83 -10.14
CA LYS A 243 23.87 -3.25 -10.13
C LYS A 243 22.67 -4.18 -10.19
N VAL A 244 21.47 -3.63 -10.00
CA VAL A 244 20.24 -4.42 -10.05
C VAL A 244 19.28 -3.77 -11.02
N LYS A 245 19.73 -2.72 -11.69
CA LYS A 245 18.88 -2.02 -12.64
C LYS A 245 18.29 -2.97 -13.68
N GLY A 246 17.10 -2.63 -14.16
CA GLY A 246 16.40 -3.42 -15.15
C GLY A 246 16.63 -4.91 -15.16
N SER A 247 16.52 -5.57 -14.00
CA SER A 247 16.75 -7.00 -13.99
C SER A 247 15.52 -7.88 -13.72
N TYR A 248 14.41 -7.44 -14.32
CA TYR A 248 13.13 -8.12 -14.31
C TYR A 248 12.12 -7.24 -15.04
N GLN A 249 11.20 -7.89 -15.74
CA GLN A 249 10.16 -7.19 -16.47
C GLN A 249 9.09 -8.18 -16.91
N VAL A 250 7.86 -7.69 -17.01
CA VAL A 250 6.73 -8.49 -17.42
C VAL A 250 6.25 -7.94 -18.75
N ASN A 251 6.12 -8.83 -19.73
CA ASN A 251 5.64 -8.46 -21.07
C ASN A 251 4.92 -9.66 -21.65
N LEU A 252 4.55 -9.57 -22.93
CA LEU A 252 3.83 -10.68 -23.54
C LEU A 252 4.63 -11.98 -23.56
N LYS A 253 5.94 -11.90 -23.79
CA LYS A 253 6.73 -13.13 -23.81
C LYS A 253 6.65 -13.87 -22.48
N VAL A 254 6.96 -13.19 -21.39
CA VAL A 254 6.90 -13.84 -20.07
C VAL A 254 5.50 -14.38 -19.81
N LEU A 255 4.48 -13.70 -20.33
CA LEU A 255 3.10 -14.09 -20.15
C LEU A 255 2.66 -15.25 -21.03
N GLU A 256 3.59 -15.84 -21.77
CA GLU A 256 3.25 -16.97 -22.63
C GLU A 256 2.91 -18.19 -21.78
N LYS A 257 3.69 -18.39 -20.72
CA LYS A 257 3.50 -19.53 -19.82
C LYS A 257 2.66 -19.16 -18.60
N ALA A 258 1.73 -18.22 -18.75
CA ALA A 258 0.91 -17.81 -17.63
C ALA A 258 -0.55 -18.25 -17.77
N LYS A 259 -1.17 -18.61 -16.64
CA LYS A 259 -2.55 -19.04 -16.62
C LYS A 259 -3.43 -17.95 -17.23
N ASP A 260 -4.51 -18.36 -17.89
CA ASP A 260 -5.45 -17.44 -18.50
C ASP A 260 -6.07 -16.51 -17.48
N GLU A 261 -6.26 -17.00 -16.26
CA GLU A 261 -6.88 -16.19 -15.21
C GLU A 261 -5.85 -15.40 -14.39
N LEU A 262 -4.57 -15.57 -14.70
CA LEU A 262 -3.54 -14.85 -13.98
C LEU A 262 -3.87 -13.36 -14.01
N ARG A 263 -3.75 -12.72 -12.86
CA ARG A 263 -4.01 -11.30 -12.78
C ARG A 263 -2.73 -10.63 -12.30
N ILE A 264 -2.36 -9.56 -12.99
CA ILE A 264 -1.15 -8.84 -12.65
C ILE A 264 -1.46 -7.48 -11.97
N MET A 265 -0.81 -7.24 -10.85
CA MET A 265 -1.02 -6.00 -10.10
C MET A 265 0.30 -5.22 -9.99
N HIS A 266 0.20 -3.98 -9.54
CA HIS A 266 1.38 -3.13 -9.36
C HIS A 266 0.93 -1.90 -8.57
N PRO A 267 1.55 -1.64 -7.41
CA PRO A 267 1.17 -0.48 -6.59
C PRO A 267 1.42 0.84 -7.31
N LEU A 268 2.32 0.80 -8.29
CA LEU A 268 2.67 1.98 -9.08
C LEU A 268 3.44 3.02 -8.27
N PRO A 269 4.17 3.93 -8.95
CA PRO A 269 4.30 4.01 -10.41
C PRO A 269 5.23 2.93 -10.96
N ARG A 270 5.15 2.70 -12.26
CA ARG A 270 6.03 1.74 -12.90
C ARG A 270 7.00 2.50 -13.80
N VAL A 271 8.22 1.99 -13.90
CA VAL A 271 9.20 2.60 -14.77
C VAL A 271 9.16 1.79 -16.07
N ASP A 272 9.68 0.56 -16.03
CA ASP A 272 9.68 -0.27 -17.23
C ASP A 272 9.51 -1.74 -16.90
N GLU A 273 9.29 -2.04 -15.62
CA GLU A 273 9.13 -3.41 -15.14
C GLU A 273 7.89 -4.13 -15.67
N ILE A 274 6.97 -3.37 -16.28
CA ILE A 274 5.77 -3.93 -16.87
C ILE A 274 5.62 -3.28 -18.24
N HIS A 275 5.96 -4.01 -19.31
CA HIS A 275 5.85 -3.44 -20.65
C HIS A 275 4.42 -2.99 -20.91
N PRO A 276 4.26 -1.80 -21.52
CA PRO A 276 2.92 -1.29 -21.82
C PRO A 276 2.08 -2.19 -22.72
N GLU A 277 2.69 -3.19 -23.35
CA GLU A 277 1.89 -4.06 -24.21
C GLU A 277 0.96 -4.92 -23.34
N VAL A 278 1.37 -5.11 -22.09
CA VAL A 278 0.61 -5.89 -21.13
C VAL A 278 -0.70 -5.18 -20.80
N ASP A 279 -0.68 -3.85 -20.92
CA ASP A 279 -1.84 -3.02 -20.61
C ASP A 279 -3.16 -3.45 -21.23
N ASN A 280 -3.18 -3.69 -22.54
CA ASN A 280 -4.40 -4.09 -23.22
C ASN A 280 -4.87 -5.50 -22.88
N THR A 281 -3.97 -6.32 -22.34
CA THR A 281 -4.31 -7.70 -22.01
C THR A 281 -5.31 -7.82 -20.87
N LYS A 282 -6.01 -8.95 -20.83
CA LYS A 282 -7.00 -9.19 -19.79
C LYS A 282 -6.36 -9.42 -18.41
N HIS A 283 -5.04 -9.58 -18.41
CA HIS A 283 -4.29 -9.81 -17.18
C HIS A 283 -4.12 -8.56 -16.33
N ALA A 284 -3.85 -7.45 -16.99
CA ALA A 284 -3.62 -6.19 -16.32
C ALA A 284 -4.80 -5.66 -15.51
N ILE A 285 -4.55 -5.36 -14.24
CA ILE A 285 -5.59 -4.80 -13.37
C ILE A 285 -5.03 -3.70 -12.46
N TYR A 286 -3.82 -3.23 -12.72
CA TYR A 286 -3.23 -2.20 -11.89
C TYR A 286 -4.01 -0.90 -11.85
N PHE A 287 -4.66 -0.52 -12.96
CA PHE A 287 -5.44 0.71 -12.95
C PHE A 287 -6.79 0.53 -12.28
N ARG A 288 -7.25 -0.71 -12.18
CA ARG A 288 -8.50 -0.99 -11.48
C ARG A 288 -8.10 -0.96 -9.99
N GLN A 289 -6.85 -1.32 -9.74
CA GLN A 289 -6.28 -1.35 -8.40
C GLN A 289 -6.26 0.08 -7.86
N VAL A 290 -5.89 1.03 -8.73
CA VAL A 290 -5.87 2.45 -8.33
C VAL A 290 -7.26 2.92 -7.88
N PHE A 291 -8.26 2.57 -8.69
CA PHE A 291 -9.66 2.92 -8.44
C PHE A 291 -10.15 2.54 -7.05
N ASN A 292 -9.85 1.31 -6.63
CA ASN A 292 -10.28 0.82 -5.32
C ASN A 292 -9.67 1.57 -4.12
N GLY A 293 -8.63 2.35 -4.37
CA GLY A 293 -8.00 3.11 -3.30
C GLY A 293 -8.91 4.12 -2.60
N VAL A 294 -9.83 4.74 -3.34
CA VAL A 294 -10.72 5.73 -2.75
C VAL A 294 -11.71 5.11 -1.74
N PRO A 295 -12.50 4.09 -2.15
CA PRO A 295 -13.42 3.52 -1.17
C PRO A 295 -12.69 2.88 0.03
N VAL A 296 -11.51 2.32 -0.20
CA VAL A 296 -10.75 1.70 0.90
C VAL A 296 -10.27 2.80 1.85
N ARG A 297 -9.74 3.89 1.27
CA ARG A 297 -9.28 5.01 2.07
C ARG A 297 -10.45 5.77 2.71
N MET A 298 -11.61 5.74 2.06
CA MET A 298 -12.82 6.39 2.61
C MET A 298 -13.26 5.59 3.84
N ALA A 299 -13.21 4.26 3.72
CA ALA A 299 -13.58 3.39 4.83
C ALA A 299 -12.65 3.65 6.02
N LEU A 300 -11.35 3.72 5.75
CA LEU A 300 -10.36 3.96 6.79
C LEU A 300 -10.53 5.31 7.49
N LEU A 301 -10.79 6.35 6.70
CA LEU A 301 -10.98 7.68 7.25
C LEU A 301 -12.21 7.70 8.13
N ALA A 302 -13.34 7.21 7.60
CA ALA A 302 -14.58 7.20 8.35
C ALA A 302 -14.44 6.39 9.66
N LEU A 303 -13.91 5.18 9.54
CA LEU A 303 -13.72 4.31 10.71
C LEU A 303 -12.87 4.98 11.78
N VAL A 304 -11.67 5.41 11.40
CA VAL A 304 -10.73 6.03 12.32
C VAL A 304 -11.19 7.38 12.89
N LEU A 305 -12.06 8.08 12.18
CA LEU A 305 -12.58 9.37 12.64
C LEU A 305 -13.82 9.12 13.49
N GLY A 306 -14.23 7.85 13.52
CA GLY A 306 -15.38 7.43 14.29
C GLY A 306 -16.68 8.03 13.78
N VAL A 307 -16.87 8.01 12.46
CA VAL A 307 -18.08 8.57 11.88
C VAL A 307 -18.97 7.53 11.21
N ILE A 308 -18.51 6.28 11.21
CA ILE A 308 -19.28 5.16 10.67
C ILE A 308 -19.00 3.99 11.60
#